data_3SBZ
#
_entry.id   3SBZ
#
_cell.length_a   112.448
_cell.length_b   112.448
_cell.length_c   112.136
_cell.angle_alpha   90.00
_cell.angle_beta   90.00
_cell.angle_gamma   120.00
#
_symmetry.space_group_name_H-M   'P 62 2 2'
#
loop_
_entity.id
_entity.type
_entity.pdbx_description
1 polymer 'Methylmalonic aciduria and homocystinuria type C protein'
2 non-polymer 'MALONATE ION'
3 non-polymer GLYCEROL
4 water water
#
_entity_poly.entity_id   1
_entity_poly.type   'polypeptide(L)'
_entity_poly.pdbx_seq_one_letter_code
;MEPKVAELKQKIEDTLCPFGFEVYPFQVAWYNELLPPAFHLPLPGPTLAFLVLSTPAMFDRALKPFLQSCHLRMLTDPVD
QCVAYHLGRVRESLPELQIEIIADYEVHPNRRPKILAQTAAHVAGAAYYYQRQDVEADPWGNQRISGVCIHPRFGGWFAI
RGVVLLPGIEVPDLPPRKPHDCVPTRADRIALLEGFNFHWRDWTYRDAVTPQERYSEEQKAYFSTPPAQRLALLGLAQPS
EKPSLEHHHHHH
;
_entity_poly.pdbx_strand_id   A
#
# COMPACT_ATOMS: atom_id res chain seq x y z
N GLU A 2 -3.41 -28.73 -1.64
CA GLU A 2 -2.50 -27.59 -1.76
C GLU A 2 -3.27 -26.34 -2.21
N PRO A 3 -3.37 -25.34 -1.32
CA PRO A 3 -4.17 -24.12 -1.49
C PRO A 3 -3.92 -23.35 -2.78
N LYS A 4 -5.00 -22.88 -3.40
CA LYS A 4 -4.89 -22.11 -4.63
C LYS A 4 -4.91 -20.63 -4.29
N VAL A 5 -4.25 -19.84 -5.12
CA VAL A 5 -4.17 -18.40 -4.92
C VAL A 5 -5.56 -17.76 -4.82
N ALA A 6 -6.50 -18.19 -5.68
CA ALA A 6 -7.82 -17.55 -5.69
C ALA A 6 -8.56 -17.80 -4.39
N GLU A 7 -8.40 -18.99 -3.83
CA GLU A 7 -9.01 -19.35 -2.57
CA GLU A 7 -9.01 -19.34 -2.57
C GLU A 7 -8.39 -18.58 -1.41
N LEU A 8 -7.07 -18.41 -1.45
CA LEU A 8 -6.38 -17.63 -0.41
C LEU A 8 -6.78 -16.16 -0.53
N LYS A 9 -6.80 -15.64 -1.74
CA LYS A 9 -7.16 -14.25 -1.98
C LYS A 9 -8.55 -14.01 -1.43
N GLN A 10 -9.47 -14.94 -1.64
CA GLN A 10 -10.83 -14.76 -1.18
C GLN A 10 -10.88 -14.74 0.35
N LYS A 11 -10.10 -15.59 1.00
CA LYS A 11 -10.12 -15.63 2.45
C LYS A 11 -9.52 -14.36 3.04
N ILE A 12 -8.49 -13.82 2.39
CA ILE A 12 -7.85 -12.60 2.87
C ILE A 12 -8.80 -11.42 2.66
N GLU A 13 -9.47 -11.39 1.51
CA GLU A 13 -10.44 -10.33 1.26
C GLU A 13 -11.62 -10.41 2.22
N ASP A 14 -12.07 -11.62 2.56
CA ASP A 14 -13.17 -11.77 3.51
C ASP A 14 -12.76 -11.14 4.85
N THR A 15 -11.48 -11.28 5.18
CA THR A 15 -10.94 -10.73 6.42
C THR A 15 -10.76 -9.19 6.35
N LEU A 16 -10.21 -8.68 5.24
CA LEU A 16 -9.77 -7.27 5.14
C LEU A 16 -10.71 -6.31 4.39
N CYS A 17 -11.35 -6.77 3.33
CA CYS A 17 -12.16 -5.84 2.52
C CYS A 17 -13.30 -5.13 3.27
N PRO A 18 -13.95 -5.79 4.22
CA PRO A 18 -14.98 -5.07 4.99
C PRO A 18 -14.38 -3.91 5.82
N PHE A 19 -13.06 -3.90 5.99
CA PHE A 19 -12.42 -2.83 6.76
C PHE A 19 -11.70 -1.80 5.89
N GLY A 20 -11.98 -1.82 4.60
CA GLY A 20 -11.53 -0.77 3.68
C GLY A 20 -10.16 -1.05 3.05
N PHE A 21 -9.76 -2.32 2.99
CA PHE A 21 -8.48 -2.68 2.37
C PHE A 21 -8.72 -3.36 1.02
N GLU A 22 -7.70 -3.38 0.17
CA GLU A 22 -7.72 -4.16 -1.06
C GLU A 22 -6.46 -5.01 -1.07
N VAL A 23 -6.51 -6.16 -1.71
CA VAL A 23 -5.37 -7.07 -1.71
C VAL A 23 -5.06 -7.57 -3.13
N TYR A 24 -3.77 -7.65 -3.45
CA TYR A 24 -3.33 -7.93 -4.81
C TYR A 24 -2.22 -8.97 -4.77
N PRO A 25 -2.40 -10.13 -5.40
CA PRO A 25 -1.32 -11.12 -5.33
C PRO A 25 -0.16 -10.78 -6.26
N PHE A 26 1.03 -11.27 -5.92
CA PHE A 26 2.15 -11.19 -6.85
C PHE A 26 3.19 -12.26 -6.51
N GLN A 27 4.06 -12.57 -7.47
CA GLN A 27 5.19 -13.46 -7.19
C GLN A 27 6.35 -12.63 -6.69
N VAL A 28 7.02 -13.13 -5.64
CA VAL A 28 8.18 -12.43 -5.12
C VAL A 28 9.16 -12.09 -6.24
N ALA A 29 9.25 -12.97 -7.25
CA ALA A 29 10.18 -12.76 -8.35
C ALA A 29 9.91 -11.47 -9.11
N TRP A 30 8.63 -11.14 -9.33
CA TRP A 30 8.31 -9.95 -10.10
C TRP A 30 8.88 -8.69 -9.44
N TYR A 31 8.88 -8.70 -8.11
CA TYR A 31 9.40 -7.59 -7.33
C TYR A 31 10.93 -7.57 -7.33
N ASN A 32 11.56 -8.68 -6.95
CA ASN A 32 13.02 -8.74 -6.85
C ASN A 32 13.71 -8.46 -8.18
N GLU A 33 13.18 -9.03 -9.26
CA GLU A 33 13.72 -8.87 -10.60
C GLU A 33 14.12 -7.44 -10.91
N LEU A 34 13.37 -6.49 -10.35
CA LEU A 34 13.49 -5.09 -10.74
C LEU A 34 14.46 -4.30 -9.86
N LEU A 35 15.03 -4.95 -8.84
CA LEU A 35 15.75 -4.22 -7.81
C LEU A 35 17.12 -4.80 -7.48
N PRO A 36 18.00 -3.97 -6.90
CA PRO A 36 19.26 -4.44 -6.29
C PRO A 36 18.96 -5.30 -5.07
N PRO A 37 19.81 -6.29 -4.78
CA PRO A 37 19.57 -7.25 -3.70
C PRO A 37 19.35 -6.63 -2.30
N ALA A 38 19.78 -5.40 -2.08
CA ALA A 38 19.60 -4.77 -0.77
C ALA A 38 18.13 -4.67 -0.39
N PHE A 39 17.26 -4.60 -1.41
CA PHE A 39 15.85 -4.33 -1.19
C PHE A 39 14.98 -5.56 -1.46
N HIS A 40 15.62 -6.66 -1.83
CA HIS A 40 14.93 -7.91 -2.10
C HIS A 40 14.13 -8.41 -0.90
N LEU A 41 13.10 -9.19 -1.19
CA LEU A 41 12.48 -10.04 -0.21
C LEU A 41 13.29 -11.33 -0.21
N PRO A 42 13.76 -11.77 0.97
CA PRO A 42 14.62 -12.96 1.08
C PRO A 42 13.85 -14.27 0.93
N LEU A 43 13.21 -14.47 -0.22
CA LEU A 43 12.45 -15.68 -0.46
C LEU A 43 12.60 -16.14 -1.90
N PRO A 44 12.28 -17.42 -2.16
CA PRO A 44 12.30 -17.98 -3.52
C PRO A 44 11.34 -17.22 -4.42
N GLY A 45 11.75 -16.95 -5.65
CA GLY A 45 10.98 -16.15 -6.58
C GLY A 45 9.51 -16.52 -6.70
N PRO A 46 9.22 -17.81 -6.88
CA PRO A 46 7.82 -18.22 -7.10
C PRO A 46 6.92 -17.99 -5.88
N THR A 47 7.48 -17.59 -4.74
CA THR A 47 6.69 -17.46 -3.52
C THR A 47 5.53 -16.49 -3.70
N LEU A 48 4.37 -16.84 -3.17
CA LEU A 48 3.17 -16.04 -3.26
C LEU A 48 3.20 -14.92 -2.23
N ALA A 49 2.84 -13.71 -2.65
CA ALA A 49 2.71 -12.56 -1.75
C ALA A 49 1.44 -11.79 -2.07
N PHE A 50 0.95 -11.02 -1.10
CA PHE A 50 -0.20 -10.14 -1.33
C PHE A 50 0.17 -8.74 -0.88
N LEU A 51 -0.04 -7.78 -1.78
CA LEU A 51 0.15 -6.38 -1.50
C LEU A 51 -1.16 -5.84 -0.94
N VAL A 52 -1.12 -5.19 0.21
CA VAL A 52 -2.35 -4.71 0.85
C VAL A 52 -2.39 -3.18 0.80
N LEU A 53 -3.50 -2.62 0.29
CA LEU A 53 -3.72 -1.16 0.24
C LEU A 53 -4.89 -0.76 1.10
N SER A 54 -4.90 0.48 1.59
CA SER A 54 -6.10 1.02 2.20
C SER A 54 -6.77 1.99 1.22
N THR A 55 -8.09 1.94 1.15
CA THR A 55 -8.86 2.83 0.33
C THR A 55 -9.40 3.92 1.24
N PRO A 56 -10.07 4.92 0.67
CA PRO A 56 -10.67 5.96 1.53
C PRO A 56 -11.59 5.39 2.63
N ALA A 57 -12.20 4.23 2.39
CA ALA A 57 -13.10 3.62 3.39
C ALA A 57 -12.38 3.12 4.65
N MET A 58 -11.08 2.90 4.57
CA MET A 58 -10.35 2.36 5.71
C MET A 58 -10.52 3.23 6.97
N PHE A 59 -10.58 4.54 6.78
CA PHE A 59 -10.68 5.48 7.91
C PHE A 59 -11.96 5.26 8.73
N ASP A 60 -13.11 5.21 8.06
CA ASP A 60 -14.39 5.01 8.75
C ASP A 60 -14.63 3.56 9.21
N ARG A 61 -14.17 2.59 8.43
CA ARG A 61 -14.48 1.19 8.72
C ARG A 61 -13.47 0.53 9.64
N ALA A 62 -12.22 0.97 9.62
CA ALA A 62 -11.17 0.35 10.41
C ALA A 62 -10.61 1.29 11.48
N LEU A 63 -10.21 2.49 11.09
CA LEU A 63 -9.45 3.32 12.03
C LEU A 63 -10.32 3.87 13.16
N LYS A 64 -11.44 4.50 12.82
CA LYS A 64 -12.27 5.10 13.84
C LYS A 64 -12.76 4.05 14.87
N PRO A 65 -13.27 2.90 14.39
CA PRO A 65 -13.59 1.83 15.35
C PRO A 65 -12.39 1.45 16.18
N PHE A 66 -11.23 1.31 15.55
CA PHE A 66 -10.04 0.92 16.28
C PHE A 66 -9.68 1.93 17.37
N LEU A 67 -9.88 3.21 17.07
CA LEU A 67 -9.50 4.27 18.01
C LEU A 67 -10.40 4.25 19.25
N GLN A 68 -11.57 3.64 19.14
CA GLN A 68 -12.51 3.55 20.25
C GLN A 68 -12.40 2.21 20.94
N SER A 69 -11.43 1.40 20.53
CA SER A 69 -11.32 0.02 21.01
C SER A 69 -10.33 -0.10 22.15
N CYS A 70 -10.30 -1.29 22.74
CA CYS A 70 -9.39 -1.60 23.83
C CYS A 70 -7.99 -1.91 23.32
N HIS A 71 -7.86 -2.06 22.00
CA HIS A 71 -6.58 -2.41 21.39
C HIS A 71 -5.62 -1.22 21.24
N LEU A 72 -6.14 0.00 21.29
CA LEU A 72 -5.30 1.17 21.03
C LEU A 72 -4.29 1.39 22.16
N ARG A 73 -3.05 1.67 21.79
CA ARG A 73 -1.99 2.03 22.75
C ARG A 73 -1.46 3.43 22.44
N MET A 74 -0.85 4.08 23.43
CA MET A 74 -0.16 5.34 23.21
C MET A 74 1.25 5.07 22.75
N LEU A 75 1.91 6.10 22.26
CA LEU A 75 3.36 6.07 21.98
C LEU A 75 3.73 5.35 20.69
N THR A 76 2.72 5.02 19.88
CA THR A 76 2.98 4.54 18.53
C THR A 76 1.85 4.99 17.61
N ASP A 77 2.16 5.16 16.34
CA ASP A 77 1.21 5.69 15.38
C ASP A 77 -0.05 4.83 15.33
N PRO A 78 -1.25 5.45 15.48
CA PRO A 78 -2.48 4.64 15.52
C PRO A 78 -2.82 3.93 14.21
N VAL A 79 -2.49 4.54 13.08
CA VAL A 79 -2.72 3.89 11.80
C VAL A 79 -1.87 2.63 11.71
N ASP A 80 -0.61 2.70 12.13
CA ASP A 80 0.25 1.53 12.11
C ASP A 80 -0.31 0.45 13.02
N GLN A 81 -0.87 0.85 14.15
CA GLN A 81 -1.44 -0.12 15.09
C GLN A 81 -2.63 -0.83 14.46
N CYS A 82 -3.49 -0.04 13.83
CA CYS A 82 -4.72 -0.54 13.23
C CYS A 82 -4.38 -1.53 12.13
N VAL A 83 -3.46 -1.16 11.25
CA VAL A 83 -3.01 -2.04 10.17
C VAL A 83 -2.44 -3.34 10.72
N ALA A 84 -1.57 -3.25 11.74
CA ALA A 84 -0.95 -4.44 12.32
C ALA A 84 -2.01 -5.34 12.92
N TYR A 85 -3.05 -4.75 13.48
CA TYR A 85 -4.16 -5.50 14.04
C TYR A 85 -4.86 -6.32 12.95
N HIS A 86 -5.20 -5.69 11.84
CA HIS A 86 -5.91 -6.41 10.78
C HIS A 86 -5.05 -7.43 10.04
N LEU A 87 -3.76 -7.13 9.86
CA LEU A 87 -2.85 -8.13 9.31
C LEU A 87 -2.71 -9.29 10.29
N GLY A 88 -2.77 -9.00 11.58
CA GLY A 88 -2.82 -10.05 12.59
C GLY A 88 -4.03 -10.93 12.38
N ARG A 89 -5.18 -10.33 12.05
CA ARG A 89 -6.40 -11.10 11.85
C ARG A 89 -6.26 -12.02 10.63
N VAL A 90 -5.49 -11.60 9.64
CA VAL A 90 -5.20 -12.47 8.49
C VAL A 90 -4.44 -13.71 8.94
N ARG A 91 -3.44 -13.53 9.80
CA ARG A 91 -2.71 -14.67 10.33
C ARG A 91 -3.63 -15.67 11.02
N GLU A 92 -4.55 -15.16 11.84
CA GLU A 92 -5.47 -16.02 12.59
C GLU A 92 -6.40 -16.77 11.66
N SER A 93 -6.74 -16.17 10.53
CA SER A 93 -7.72 -16.76 9.64
C SER A 93 -7.10 -17.84 8.75
N LEU A 94 -5.78 -17.97 8.81
CA LEU A 94 -5.07 -18.98 8.03
C LEU A 94 -4.12 -19.74 8.94
N PRO A 95 -4.68 -20.34 10.01
CA PRO A 95 -3.91 -20.99 11.08
C PRO A 95 -3.05 -22.14 10.61
N GLU A 96 -3.45 -22.80 9.52
CA GLU A 96 -2.71 -23.95 9.03
C GLU A 96 -1.52 -23.55 8.16
N LEU A 97 -1.36 -22.26 7.90
CA LEU A 97 -0.32 -21.79 7.00
C LEU A 97 0.75 -20.95 7.69
N GLN A 98 1.96 -20.99 7.16
CA GLN A 98 3.02 -20.11 7.65
C GLN A 98 2.92 -18.77 6.93
N ILE A 99 2.71 -17.72 7.71
CA ILE A 99 2.44 -16.40 7.16
C ILE A 99 3.39 -15.39 7.73
N GLU A 100 4.13 -14.72 6.87
CA GLU A 100 4.97 -13.62 7.31
C GLU A 100 4.34 -12.31 6.87
N ILE A 101 4.59 -11.26 7.63
CA ILE A 101 3.97 -9.98 7.40
C ILE A 101 5.01 -8.88 7.37
N ILE A 102 4.83 -7.94 6.46
CA ILE A 102 5.62 -6.72 6.46
C ILE A 102 4.60 -5.57 6.58
N ALA A 103 4.77 -4.70 7.58
CA ALA A 103 5.85 -4.77 8.56
C ALA A 103 5.50 -5.70 9.72
N ASP A 104 6.51 -6.40 10.23
CA ASP A 104 6.32 -7.34 11.33
C ASP A 104 6.73 -6.68 12.63
N TYR A 105 5.76 -6.32 13.46
CA TYR A 105 6.04 -5.59 14.71
C TYR A 105 6.45 -6.50 15.86
N GLU A 106 6.68 -7.77 15.56
CA GLU A 106 7.32 -8.67 16.51
C GLU A 106 8.80 -8.76 16.16
N VAL A 107 9.17 -8.03 15.11
CA VAL A 107 10.57 -7.73 14.84
C VAL A 107 10.74 -6.22 14.95
N HIS A 108 11.86 -5.79 15.49
CA HIS A 108 12.08 -4.39 15.85
C HIS A 108 13.22 -3.76 15.05
N PRO A 109 14.39 -4.42 15.01
CA PRO A 109 15.53 -3.75 14.38
C PRO A 109 15.51 -3.92 12.87
N ASN A 110 16.61 -3.55 12.23
CA ASN A 110 16.94 -4.10 10.93
C ASN A 110 17.68 -5.42 11.18
N ARG A 111 17.50 -6.40 10.29
CA ARG A 111 16.73 -6.19 9.08
C ARG A 111 15.31 -6.78 9.13
N ARG A 112 14.34 -5.92 9.43
CA ARG A 112 13.05 -6.04 8.80
C ARG A 112 13.48 -5.79 7.36
N PRO A 113 12.82 -6.42 6.38
CA PRO A 113 13.31 -6.17 5.02
C PRO A 113 13.17 -4.71 4.59
N LYS A 114 14.02 -4.25 3.67
CA LYS A 114 13.91 -2.91 3.11
C LYS A 114 12.97 -2.95 1.91
N ILE A 115 11.68 -3.07 2.17
CA ILE A 115 10.68 -3.14 1.09
C ILE A 115 10.49 -1.78 0.41
N LEU A 116 10.46 -1.79 -0.92
CA LEU A 116 10.13 -0.60 -1.67
C LEU A 116 8.67 -0.73 -2.08
N ALA A 117 7.79 -0.15 -1.27
CA ALA A 117 6.38 -0.45 -1.37
C ALA A 117 5.79 -0.07 -2.73
N GLN A 118 6.21 1.06 -3.30
CA GLN A 118 5.64 1.50 -4.58
C GLN A 118 5.91 0.50 -5.69
N THR A 119 7.07 -0.16 -5.63
CA THR A 119 7.42 -1.16 -6.63
C THR A 119 6.56 -2.41 -6.46
N ALA A 120 6.28 -2.78 -5.22
CA ALA A 120 5.37 -3.89 -4.97
C ALA A 120 3.96 -3.58 -5.53
N ALA A 121 3.49 -2.35 -5.34
CA ALA A 121 2.14 -2.00 -5.78
C ALA A 121 2.10 -2.04 -7.30
N HIS A 122 3.20 -1.65 -7.92
CA HIS A 122 3.28 -1.64 -9.37
C HIS A 122 3.26 -3.05 -9.97
N VAL A 123 4.16 -3.92 -9.53
CA VAL A 123 4.23 -5.27 -10.09
C VAL A 123 3.02 -6.13 -9.72
N ALA A 124 2.33 -5.77 -8.64
CA ALA A 124 1.07 -6.46 -8.30
C ALA A 124 -0.12 -5.97 -9.12
N GLY A 125 0.11 -5.04 -10.04
CA GLY A 125 -0.96 -4.52 -10.88
C GLY A 125 -1.93 -3.58 -10.14
N ALA A 126 -1.56 -3.17 -8.92
CA ALA A 126 -2.46 -2.40 -8.06
C ALA A 126 -2.47 -0.92 -8.41
N ALA A 127 -1.30 -0.35 -8.59
CA ALA A 127 -1.20 1.07 -8.87
C ALA A 127 0.11 1.35 -9.60
N TYR A 128 0.02 2.11 -10.69
CA TYR A 128 1.18 2.47 -11.48
C TYR A 128 2.07 3.43 -10.70
N TYR A 129 3.34 3.07 -10.59
CA TYR A 129 4.31 3.88 -9.86
C TYR A 129 4.95 4.86 -10.84
N TYR A 130 4.48 6.09 -10.84
CA TYR A 130 5.01 7.11 -11.73
C TYR A 130 6.27 7.72 -11.17
N GLN A 131 7.32 7.70 -11.98
CA GLN A 131 8.61 8.21 -11.56
C GLN A 131 9.11 9.19 -12.58
N ARG A 132 10.17 9.87 -12.20
CA ARG A 132 10.80 10.85 -13.03
C ARG A 132 11.15 10.30 -14.41
N GLN A 133 11.61 9.05 -14.44
CA GLN A 133 12.02 8.39 -15.67
C GLN A 133 10.85 8.27 -16.66
N ASP A 134 9.63 8.40 -16.17
CA ASP A 134 8.44 8.30 -17.00
C ASP A 134 8.12 9.63 -17.70
N VAL A 135 8.99 10.60 -17.53
CA VAL A 135 8.89 11.86 -18.26
C VAL A 135 10.16 12.02 -19.07
N GLU A 136 10.05 12.00 -20.39
CA GLU A 136 11.22 12.11 -21.23
C GLU A 136 11.70 13.55 -21.26
N ALA A 137 13.01 13.75 -21.28
CA ALA A 137 13.60 15.09 -21.26
C ALA A 137 12.92 15.95 -20.21
N ASP A 138 12.92 15.52 -18.96
CA ASP A 138 12.16 16.21 -17.93
C ASP A 138 12.84 17.53 -17.56
N PRO A 139 12.06 18.49 -17.04
CA PRO A 139 12.56 19.85 -16.82
C PRO A 139 13.14 20.10 -15.42
N TRP A 140 13.35 19.07 -14.62
CA TRP A 140 13.62 19.29 -13.21
C TRP A 140 15.10 19.31 -12.83
N GLY A 141 15.97 18.95 -13.75
CA GLY A 141 17.40 19.02 -13.51
C GLY A 141 17.79 18.38 -12.18
N ASN A 142 18.43 19.16 -11.31
CA ASN A 142 19.05 18.66 -10.08
C ASN A 142 18.10 18.25 -8.97
N GLN A 143 16.84 18.66 -9.04
CA GLN A 143 15.94 18.45 -7.91
C GLN A 143 15.73 16.96 -7.62
N ARG A 144 15.36 16.64 -6.39
CA ARG A 144 14.95 15.28 -6.07
C ARG A 144 13.45 15.17 -6.34
N ILE A 145 13.09 14.52 -7.42
CA ILE A 145 11.69 14.32 -7.78
C ILE A 145 11.25 12.94 -7.36
N SER A 146 10.46 12.86 -6.30
CA SER A 146 9.98 11.58 -5.79
C SER A 146 8.83 11.10 -6.66
N GLY A 147 8.74 9.78 -6.86
CA GLY A 147 7.65 9.19 -7.63
C GLY A 147 6.45 8.91 -6.75
N VAL A 148 5.32 8.58 -7.37
CA VAL A 148 4.10 8.32 -6.63
C VAL A 148 3.23 7.32 -7.39
N CYS A 149 2.57 6.45 -6.64
CA CYS A 149 1.65 5.47 -7.23
C CYS A 149 0.27 6.08 -7.39
N ILE A 150 -0.41 5.73 -8.48
CA ILE A 150 -1.74 6.22 -8.75
C ILE A 150 -2.68 5.04 -9.04
N HIS A 151 -3.76 4.96 -8.27
CA HIS A 151 -4.76 3.90 -8.32
C HIS A 151 -5.82 4.32 -9.35
N PRO A 152 -6.25 3.39 -10.21
CA PRO A 152 -7.18 3.78 -11.28
C PRO A 152 -8.56 4.21 -10.77
N ARG A 153 -8.97 3.68 -9.61
CA ARG A 153 -10.27 4.05 -9.06
C ARG A 153 -10.14 5.21 -8.07
N PHE A 154 -9.07 5.23 -7.27
CA PHE A 154 -8.99 6.23 -6.21
C PHE A 154 -7.94 7.31 -6.45
N GLY A 155 -7.30 7.31 -7.60
CA GLY A 155 -6.21 8.25 -7.86
C GLY A 155 -5.17 8.14 -6.75
N GLY A 156 -4.79 9.26 -6.13
CA GLY A 156 -3.85 9.21 -5.03
C GLY A 156 -4.52 9.10 -3.67
N TRP A 157 -5.83 8.88 -3.64
CA TRP A 157 -6.57 8.78 -2.37
C TRP A 157 -6.58 7.36 -1.83
N PHE A 158 -5.38 6.86 -1.51
CA PHE A 158 -5.20 5.51 -0.99
C PHE A 158 -3.79 5.45 -0.41
N ALA A 159 -3.46 4.35 0.23
CA ALA A 159 -2.10 4.17 0.75
C ALA A 159 -1.70 2.72 0.68
N ILE A 160 -0.42 2.45 0.44
CA ILE A 160 0.10 1.09 0.52
C ILE A 160 0.36 0.79 1.99
N ARG A 161 -0.13 -0.35 2.49
CA ARG A 161 -0.12 -0.57 3.95
C ARG A 161 0.68 -1.77 4.42
N GLY A 162 0.88 -2.76 3.56
CA GLY A 162 1.52 -3.98 4.01
C GLY A 162 1.67 -5.02 2.95
N VAL A 163 2.45 -6.04 3.28
CA VAL A 163 2.64 -7.20 2.42
C VAL A 163 2.44 -8.46 3.24
N VAL A 164 1.66 -9.40 2.71
CA VAL A 164 1.51 -10.70 3.34
C VAL A 164 2.27 -11.72 2.51
N LEU A 165 3.20 -12.44 3.14
CA LEU A 165 4.02 -13.43 2.44
C LEU A 165 3.63 -14.85 2.87
N LEU A 166 3.70 -15.78 1.93
CA LEU A 166 3.32 -17.16 2.20
C LEU A 166 4.45 -18.11 1.81
N PRO A 167 5.53 -18.13 2.61
CA PRO A 167 6.65 -18.98 2.23
C PRO A 167 6.20 -20.44 2.14
N GLY A 168 6.76 -21.17 1.19
CA GLY A 168 6.36 -22.55 0.96
C GLY A 168 5.16 -22.68 0.03
N ILE A 169 4.49 -21.58 -0.29
CA ILE A 169 3.44 -21.59 -1.29
C ILE A 169 3.99 -20.90 -2.52
N GLU A 170 4.26 -21.68 -3.55
CA GLU A 170 4.93 -21.18 -4.73
C GLU A 170 3.99 -21.26 -5.92
N VAL A 171 3.88 -20.18 -6.66
CA VAL A 171 2.89 -20.05 -7.72
C VAL A 171 3.57 -19.59 -8.99
N PRO A 172 4.43 -20.45 -9.55
CA PRO A 172 5.25 -20.13 -10.73
C PRO A 172 4.42 -19.80 -11.98
N ASP A 173 3.16 -20.20 -12.02
CA ASP A 173 2.31 -19.91 -13.18
C ASP A 173 1.26 -18.82 -12.92
N LEU A 174 1.36 -18.15 -11.78
CA LEU A 174 0.51 -16.99 -11.50
C LEU A 174 0.72 -15.99 -12.63
N PRO A 175 -0.35 -15.60 -13.33
CA PRO A 175 -0.19 -14.71 -14.48
C PRO A 175 -0.14 -13.24 -14.08
N PRO A 176 0.92 -12.52 -14.47
CA PRO A 176 1.07 -11.13 -14.09
C PRO A 176 0.06 -10.24 -14.82
N ARG A 177 -0.30 -9.13 -14.20
CA ARG A 177 -1.09 -8.10 -14.86
C ARG A 177 -0.44 -6.75 -14.61
N LYS A 178 -0.14 -6.03 -15.67
CA LYS A 178 0.43 -4.69 -15.53
C LYS A 178 -0.54 -3.76 -14.83
N PRO A 179 0.01 -2.81 -14.06
CA PRO A 179 -0.87 -1.79 -13.48
C PRO A 179 -1.49 -0.96 -14.59
N HIS A 180 -2.67 -0.42 -14.33
CA HIS A 180 -3.32 0.47 -15.29
C HIS A 180 -2.53 1.77 -15.44
N ASP A 181 -2.06 2.06 -16.66
CA ASP A 181 -1.41 3.35 -16.94
C ASP A 181 -2.47 4.44 -17.08
N CYS A 182 -2.98 4.90 -15.94
CA CYS A 182 -4.13 5.80 -15.92
C CYS A 182 -3.73 7.28 -16.00
N VAL A 183 -2.44 7.58 -16.00
CA VAL A 183 -1.95 8.94 -16.26
C VAL A 183 -0.95 8.85 -17.42
N PRO A 184 -1.45 8.58 -18.64
CA PRO A 184 -0.58 8.19 -19.76
C PRO A 184 0.22 9.31 -20.42
N THR A 185 -0.28 10.54 -20.40
CA THR A 185 0.37 11.59 -21.18
C THR A 185 1.50 12.30 -20.42
N ARG A 186 2.48 12.80 -21.18
CA ARG A 186 3.62 13.49 -20.59
C ARG A 186 3.20 14.71 -19.78
N ALA A 187 2.27 15.51 -20.31
CA ALA A 187 1.87 16.74 -19.62
C ALA A 187 1.18 16.42 -18.30
N ASP A 188 0.35 15.38 -18.28
CA ASP A 188 -0.32 14.98 -17.04
C ASP A 188 0.66 14.39 -16.03
N ARG A 189 1.67 13.66 -16.51
CA ARG A 189 2.68 13.09 -15.60
C ARG A 189 3.52 14.20 -14.99
N ILE A 190 3.82 15.21 -15.78
CA ILE A 190 4.50 16.39 -15.25
C ILE A 190 3.66 17.06 -14.17
N ALA A 191 2.39 17.27 -14.43
CA ALA A 191 1.53 17.95 -13.45
C ALA A 191 1.39 17.10 -12.19
N LEU A 192 1.31 15.79 -12.35
CA LEU A 192 1.24 14.87 -11.23
C LEU A 192 2.48 14.99 -10.32
N LEU A 193 3.66 14.84 -10.91
CA LEU A 193 4.89 14.86 -10.15
C LEU A 193 5.18 16.23 -9.54
N GLU A 194 4.81 17.31 -10.22
CA GLU A 194 4.98 18.63 -9.65
C GLU A 194 4.03 18.90 -8.50
N GLY A 195 2.79 18.44 -8.63
CA GLY A 195 1.84 18.57 -7.53
C GLY A 195 2.36 17.84 -6.31
N PHE A 196 2.86 16.62 -6.52
CA PHE A 196 3.36 15.77 -5.45
C PHE A 196 4.60 16.36 -4.76
N ASN A 197 5.54 16.89 -5.54
CA ASN A 197 6.78 17.38 -4.97
C ASN A 197 6.79 18.87 -4.57
N PHE A 198 5.88 19.68 -5.11
CA PHE A 198 5.98 21.14 -4.91
C PHE A 198 4.70 21.83 -4.39
N HIS A 199 3.59 21.10 -4.24
CA HIS A 199 2.34 21.74 -3.82
C HIS A 199 1.91 21.35 -2.40
N TRP A 200 1.58 22.37 -1.61
CA TRP A 200 1.38 22.26 -0.18
C TRP A 200 -0.05 22.60 0.21
N ARG A 201 -0.53 22.00 1.29
CA ARG A 201 -1.94 22.13 1.66
C ARG A 201 -2.76 21.83 0.42
N ASP A 202 -2.15 21.12 -0.52
CA ASP A 202 -2.77 20.86 -1.81
C ASP A 202 -2.85 19.36 -1.98
N TRP A 203 -4.08 18.88 -2.10
CA TRP A 203 -4.35 17.47 -2.30
C TRP A 203 -4.46 17.16 -3.78
N THR A 204 -4.28 18.18 -4.62
CA THR A 204 -4.63 18.11 -6.04
C THR A 204 -3.91 17.02 -6.85
N TYR A 205 -2.67 16.68 -6.49
CA TYR A 205 -1.96 15.63 -7.22
C TYR A 205 -2.74 14.32 -7.16
N ARG A 206 -3.56 14.17 -6.12
CA ARG A 206 -4.29 12.92 -5.93
C ARG A 206 -5.46 12.80 -6.91
N ASP A 207 -5.78 13.88 -7.59
CA ASP A 207 -6.81 13.86 -8.63
C ASP A 207 -6.22 13.71 -10.04
N ALA A 208 -4.94 13.36 -10.15
CA ALA A 208 -4.28 13.21 -11.46
C ALA A 208 -5.07 12.30 -12.40
N VAL A 209 -5.71 11.28 -11.84
CA VAL A 209 -6.85 10.67 -12.50
C VAL A 209 -8.01 11.00 -11.56
N THR A 210 -9.14 11.40 -12.13
CA THR A 210 -10.31 11.77 -11.32
C THR A 210 -10.77 10.56 -10.52
N PRO A 211 -10.79 10.68 -9.19
CA PRO A 211 -11.16 9.48 -8.43
C PRO A 211 -12.68 9.32 -8.33
N GLN A 212 -13.15 8.09 -8.11
CA GLN A 212 -14.56 7.85 -7.84
C GLN A 212 -14.92 8.21 -6.41
N GLU A 213 -13.92 8.18 -5.53
CA GLU A 213 -14.14 8.53 -4.14
C GLU A 213 -12.85 9.11 -3.56
N ARG A 214 -12.99 10.04 -2.65
CA ARG A 214 -11.85 10.70 -1.99
C ARG A 214 -11.94 10.51 -0.48
N TYR A 215 -10.85 10.81 0.23
CA TYR A 215 -10.91 10.90 1.68
C TYR A 215 -11.99 11.90 2.06
N SER A 216 -12.76 11.65 3.11
CA SER A 216 -13.73 12.63 3.60
C SER A 216 -12.98 13.83 4.17
N GLU A 217 -13.69 14.94 4.37
CA GLU A 217 -13.06 16.12 4.97
C GLU A 217 -12.50 15.78 6.36
N GLU A 218 -13.19 14.93 7.10
CA GLU A 218 -12.69 14.53 8.41
C GLU A 218 -11.38 13.75 8.31
N GLN A 219 -11.28 12.85 7.34
CA GLN A 219 -10.06 12.08 7.16
C GLN A 219 -8.91 12.97 6.67
N LYS A 220 -9.21 13.90 5.78
CA LYS A 220 -8.22 14.86 5.32
C LYS A 220 -7.68 15.67 6.52
N ALA A 221 -8.58 16.06 7.41
CA ALA A 221 -8.22 16.82 8.61
C ALA A 221 -7.30 16.02 9.50
N TYR A 222 -7.66 14.76 9.71
CA TYR A 222 -6.87 13.87 10.53
C TYR A 222 -5.43 13.75 10.02
N PHE A 223 -5.26 13.57 8.72
CA PHE A 223 -3.92 13.35 8.17
C PHE A 223 -3.12 14.63 8.00
N SER A 224 -3.78 15.78 8.15
CA SER A 224 -3.05 17.04 8.06
C SER A 224 -3.01 17.78 9.40
N THR A 225 -3.29 17.08 10.49
CA THR A 225 -3.23 17.68 11.82
C THR A 225 -2.05 17.07 12.57
N PRO A 226 -1.27 17.91 13.28
CA PRO A 226 -0.14 17.36 14.01
C PRO A 226 -0.58 16.26 14.98
N PRO A 227 0.23 15.22 15.13
CA PRO A 227 -0.15 14.08 15.96
C PRO A 227 -0.57 14.43 17.38
N ALA A 228 0.05 15.42 18.01
CA ALA A 228 -0.28 15.76 19.38
C ALA A 228 -1.77 16.11 19.53
N GLN A 229 -2.35 16.65 18.46
CA GLN A 229 -3.72 17.17 18.52
C GLN A 229 -4.78 16.33 17.83
N ARG A 230 -4.36 15.40 16.97
CA ARG A 230 -5.32 14.64 16.14
C ARG A 230 -6.52 14.08 16.89
N LEU A 231 -6.25 13.29 17.92
CA LEU A 231 -7.33 12.57 18.58
C LEU A 231 -8.23 13.52 19.34
N ALA A 232 -7.64 14.54 19.95
CA ALA A 232 -8.41 15.53 20.71
C ALA A 232 -9.34 16.28 19.78
N LEU A 233 -8.79 16.73 18.65
CA LEU A 233 -9.47 17.69 17.79
C LEU A 233 -10.63 17.09 17.05
N LEU A 234 -10.56 15.79 16.82
CA LEU A 234 -11.57 15.12 16.04
C LEU A 234 -12.47 14.31 16.97
N GLY A 235 -12.14 14.33 18.26
CA GLY A 235 -12.94 13.66 19.26
C GLY A 235 -13.01 12.16 18.99
#